data_5DGI
#
_entry.id   5DGI
#
_cell.length_a   88.268
_cell.length_b   110.205
_cell.length_c   41.236
_cell.angle_alpha   90.00
_cell.angle_beta   90.00
_cell.angle_gamma   90.00
#
_symmetry.space_group_name_H-M   'P 21 21 21'
#
loop_
_entity.id
_entity.type
_entity.pdbx_description
1 polymer 'Inositol hexakisphosphate and diphosphoinositol-pentakisphosphate kinase 2'
2 non-polymer "ADENOSINE-5'-DIPHOSPHATE"
3 non-polymer '3,5-di-methylenebisphosphonate inositol tetrakisphosphate'
4 non-polymer 'MAGNESIUM ION'
5 non-polymer 'ACETATE ION'
6 non-polymer 1,2-ETHANEDIOL
7 water water
#
_entity_poly.entity_id   1
_entity_poly.type   'polypeptide(L)'
_entity_poly.pdbx_seq_one_letter_code
;GSFTERQIVVGICSMAKKSKSKPMKEILERISLFKYITVVVFEEEVILNEPVENWPLCDCLISFHSKGFPLDKAVAYAKL
RNPFVINDLNMQYLIQDRREVYSILQAEGILLPRYAILNRDPNNPKECNLIEGEDHVEVNGEVFQKPFVEKPVSAEDHNV
YIYYPTSAGGGSQRLFRKIGSRSSVYSPESNVRKTGSYIYEEFMPTDGTDVKVYTVGPDYAHAEARKSPALDGKVERDSE
GKEVRYPVILNAREKLIAWKVCLAFKQTVCGFDLLRANGQSYVCDVNGFSFVKNSMKYYDDCAKILGNIVMRELAPQFHI
PWSIPLEAED
;
_entity_poly.pdbx_strand_id   A
#
# COMPACT_ATOMS: atom_id res chain seq x y z
N ARG A 6 -24.87 -11.85 -23.35
CA ARG A 6 -24.59 -12.18 -21.93
C ARG A 6 -23.59 -11.19 -21.32
N GLN A 7 -23.84 -10.80 -20.07
CA GLN A 7 -23.05 -9.81 -19.35
C GLN A 7 -21.69 -10.34 -18.91
N ILE A 8 -20.69 -9.46 -18.91
CA ILE A 8 -19.39 -9.73 -18.30
C ILE A 8 -19.54 -9.42 -16.81
N VAL A 9 -19.22 -10.40 -15.97
CA VAL A 9 -19.37 -10.24 -14.53
C VAL A 9 -18.05 -9.83 -13.87
N VAL A 10 -18.06 -8.67 -13.22
CA VAL A 10 -16.93 -8.22 -12.41
C VAL A 10 -17.22 -8.55 -10.94
N GLY A 11 -16.40 -9.42 -10.37
CA GLY A 11 -16.58 -9.83 -8.97
C GLY A 11 -15.68 -9.02 -8.04
N ILE A 12 -16.25 -8.55 -6.94
CA ILE A 12 -15.51 -7.81 -5.91
C ILE A 12 -15.41 -8.69 -4.66
N CYS A 13 -14.18 -9.04 -4.30
CA CYS A 13 -13.93 -9.94 -3.18
C CYS A 13 -12.95 -9.31 -2.18
N SER A 14 -13.51 -8.75 -1.12
CA SER A 14 -12.73 -8.14 -0.03
C SER A 14 -13.59 -8.07 1.22
N MET A 15 -12.99 -7.73 2.36
CA MET A 15 -13.74 -7.55 3.61
C MET A 15 -14.80 -6.47 3.44
N ALA A 16 -15.91 -6.61 4.18
CA ALA A 16 -17.04 -5.67 4.08
C ALA A 16 -16.63 -4.21 4.33
N LYS A 17 -15.69 -4.00 5.25
CA LYS A 17 -15.18 -2.66 5.55
C LYS A 17 -14.64 -1.98 4.29
N LYS A 18 -14.03 -2.77 3.43
CA LYS A 18 -13.48 -2.28 2.17
C LYS A 18 -14.54 -2.25 1.05
N SER A 19 -15.33 -3.32 0.95
N SER A 19 -15.33 -3.31 0.94
CA SER A 19 -16.36 -3.46 -0.08
CA SER A 19 -16.31 -3.39 -0.15
C SER A 19 -17.48 -2.44 0.05
C SER A 19 -17.53 -2.48 0.05
N LYS A 20 -17.76 -2.04 1.30
CA LYS A 20 -18.83 -1.09 1.59
C LYS A 20 -18.29 0.31 1.89
N SER A 21 -16.99 0.51 1.66
CA SER A 21 -16.37 1.83 1.84
C SER A 21 -16.94 2.80 0.82
N LYS A 22 -16.96 4.09 1.18
CA LYS A 22 -17.48 5.12 0.29
C LYS A 22 -16.80 5.09 -1.09
N PRO A 23 -15.45 5.12 -1.13
CA PRO A 23 -14.81 5.08 -2.45
C PRO A 23 -15.20 3.87 -3.28
N MET A 24 -15.27 2.69 -2.66
CA MET A 24 -15.66 1.48 -3.37
C MET A 24 -17.06 1.59 -3.97
N LYS A 25 -18.02 2.04 -3.16
CA LYS A 25 -19.41 2.13 -3.59
C LYS A 25 -19.56 3.12 -4.75
N GLU A 26 -18.87 4.26 -4.64
CA GLU A 26 -18.87 5.28 -5.69
C GLU A 26 -18.30 4.74 -7.00
N ILE A 27 -17.22 3.97 -6.90
CA ILE A 27 -16.57 3.42 -8.09
C ILE A 27 -17.42 2.30 -8.73
N LEU A 28 -17.96 1.41 -7.89
CA LEU A 28 -18.77 0.30 -8.41
C LEU A 28 -20.05 0.77 -9.11
N GLU A 29 -20.68 1.79 -8.53
CA GLU A 29 -21.82 2.44 -9.17
C GLU A 29 -21.45 2.88 -10.59
N ARG A 30 -20.28 3.50 -10.74
CA ARG A 30 -19.81 3.98 -12.04
C ARG A 30 -19.40 2.86 -13.01
N ILE A 31 -18.77 1.80 -12.49
CA ILE A 31 -18.45 0.62 -13.31
C ILE A 31 -19.73 -0.04 -13.86
N SER A 32 -20.76 -0.12 -13.03
CA SER A 32 -22.07 -0.69 -13.42
C SER A 32 -22.73 0.02 -14.61
N LEU A 33 -22.33 1.27 -14.84
CA LEU A 33 -22.85 2.07 -15.96
C LEU A 33 -22.42 1.52 -17.32
N PHE A 34 -21.33 0.76 -17.33
CA PHE A 34 -20.89 0.03 -18.51
C PHE A 34 -22.00 -0.94 -18.95
N LYS A 35 -22.39 -0.81 -20.22
CA LYS A 35 -23.52 -1.54 -20.80
C LYS A 35 -23.39 -3.06 -20.66
N TYR A 36 -22.18 -3.57 -20.84
CA TYR A 36 -21.97 -5.01 -20.85
C TYR A 36 -21.37 -5.56 -19.56
N ILE A 37 -21.31 -4.70 -18.53
CA ILE A 37 -20.75 -5.10 -17.24
C ILE A 37 -21.79 -5.12 -16.11
N THR A 38 -21.77 -6.24 -15.37
CA THR A 38 -22.53 -6.41 -14.14
CA THR A 38 -22.52 -6.37 -14.13
C THR A 38 -21.55 -6.64 -12.99
N VAL A 39 -21.75 -5.91 -11.90
CA VAL A 39 -20.89 -6.01 -10.71
C VAL A 39 -21.55 -6.94 -9.69
N VAL A 40 -20.76 -7.88 -9.15
CA VAL A 40 -21.21 -8.75 -8.06
C VAL A 40 -20.24 -8.59 -6.89
N VAL A 41 -20.77 -8.16 -5.75
CA VAL A 41 -19.96 -7.97 -4.55
C VAL A 41 -20.15 -9.17 -3.64
N PHE A 42 -19.05 -9.89 -3.38
CA PHE A 42 -19.11 -11.09 -2.54
C PHE A 42 -19.37 -10.66 -1.10
N GLU A 43 -20.37 -11.27 -0.47
CA GLU A 43 -20.70 -11.00 0.93
C GLU A 43 -19.57 -11.50 1.84
N GLU A 44 -19.28 -10.75 2.90
CA GLU A 44 -18.21 -11.13 3.82
C GLU A 44 -18.46 -12.49 4.46
N GLU A 45 -19.71 -12.75 4.84
CA GLU A 45 -20.12 -14.02 5.44
C GLU A 45 -19.77 -15.19 4.52
N VAL A 46 -19.96 -14.98 3.22
CA VAL A 46 -19.63 -15.98 2.19
C VAL A 46 -18.10 -16.15 2.07
N ILE A 47 -17.39 -15.03 1.99
CA ILE A 47 -15.91 -15.05 1.91
C ILE A 47 -15.30 -15.81 3.09
N LEU A 48 -15.84 -15.57 4.29
CA LEU A 48 -15.30 -16.19 5.50
C LEU A 48 -15.80 -17.60 5.77
N ASN A 49 -17.09 -17.85 5.53
CA ASN A 49 -17.74 -19.09 5.99
C ASN A 49 -18.04 -20.16 4.94
N GLU A 50 -18.12 -19.75 3.68
CA GLU A 50 -18.40 -20.68 2.58
C GLU A 50 -17.12 -21.14 1.90
N PRO A 51 -17.06 -22.43 1.49
CA PRO A 51 -15.93 -22.87 0.70
C PRO A 51 -15.94 -22.19 -0.67
N VAL A 52 -14.77 -22.04 -1.28
CA VAL A 52 -14.61 -21.29 -2.53
C VAL A 52 -15.49 -21.80 -3.67
N GLU A 53 -15.85 -23.09 -3.61
CA GLU A 53 -16.70 -23.75 -4.61
CA GLU A 53 -16.69 -23.72 -4.63
CA GLU A 53 -16.69 -23.72 -4.63
C GLU A 53 -18.11 -23.15 -4.65
N ASN A 54 -18.50 -22.52 -3.53
CA ASN A 54 -19.83 -21.92 -3.40
C ASN A 54 -19.85 -20.42 -3.70
N TRP A 55 -18.68 -19.82 -3.85
CA TRP A 55 -18.54 -18.38 -4.14
C TRP A 55 -19.14 -18.04 -5.50
N PRO A 56 -19.68 -16.81 -5.66
CA PRO A 56 -20.24 -16.42 -6.96
C PRO A 56 -19.23 -16.52 -8.10
N LEU A 57 -19.71 -16.85 -9.29
CA LEU A 57 -18.87 -16.80 -10.49
C LEU A 57 -18.60 -15.35 -10.89
N CYS A 58 -17.45 -15.13 -11.53
CA CYS A 58 -17.16 -13.86 -12.18
C CYS A 58 -16.17 -14.09 -13.32
N ASP A 59 -16.15 -13.16 -14.27
CA ASP A 59 -15.23 -13.22 -15.40
C ASP A 59 -13.97 -12.41 -15.12
N CYS A 60 -14.13 -11.36 -14.32
CA CYS A 60 -13.03 -10.52 -13.87
C CYS A 60 -13.12 -10.38 -12.35
N LEU A 61 -12.01 -10.64 -11.68
CA LEU A 61 -11.95 -10.60 -10.22
C LEU A 61 -11.13 -9.43 -9.70
N ILE A 62 -11.77 -8.59 -8.88
CA ILE A 62 -11.11 -7.53 -8.14
C ILE A 62 -11.11 -7.97 -6.68
N SER A 63 -9.93 -8.33 -6.18
CA SER A 63 -9.83 -8.93 -4.86
C SER A 63 -8.53 -8.49 -4.20
N PHE A 64 -8.60 -8.19 -2.92
CA PHE A 64 -7.43 -7.67 -2.22
C PHE A 64 -7.51 -7.91 -0.72
N HIS A 65 -6.33 -8.04 -0.12
CA HIS A 65 -6.18 -8.34 1.28
C HIS A 65 -6.31 -7.09 2.14
N SER A 66 -6.96 -7.25 3.29
CA SER A 66 -6.90 -6.32 4.41
C SER A 66 -7.02 -7.18 5.66
N LYS A 67 -6.95 -6.56 6.84
CA LYS A 67 -6.99 -7.31 8.10
C LYS A 67 -8.16 -8.29 8.13
N GLY A 68 -7.86 -9.56 8.39
CA GLY A 68 -8.87 -10.60 8.51
C GLY A 68 -9.29 -11.28 7.22
N PHE A 69 -8.76 -10.82 6.08
CA PHE A 69 -9.11 -11.40 4.77
C PHE A 69 -8.39 -12.73 4.54
N PRO A 70 -9.15 -13.78 4.19
CA PRO A 70 -8.52 -15.08 3.92
C PRO A 70 -7.93 -15.12 2.52
N LEU A 71 -6.70 -14.63 2.38
CA LEU A 71 -6.02 -14.57 1.08
C LEU A 71 -5.88 -15.96 0.45
N ASP A 72 -5.64 -16.97 1.28
CA ASP A 72 -5.56 -18.37 0.81
C ASP A 72 -6.80 -18.77 0.04
N LYS A 73 -7.96 -18.34 0.51
CA LYS A 73 -9.23 -18.69 -0.13
C LYS A 73 -9.38 -17.98 -1.46
N ALA A 74 -9.07 -16.68 -1.50
CA ALA A 74 -9.12 -15.90 -2.74
C ALA A 74 -8.21 -16.51 -3.81
N VAL A 75 -6.98 -16.88 -3.42
CA VAL A 75 -6.04 -17.57 -4.31
C VAL A 75 -6.66 -18.88 -4.84
N ALA A 76 -7.21 -19.70 -3.94
CA ALA A 76 -7.86 -20.96 -4.32
C ALA A 76 -9.05 -20.74 -5.28
N TYR A 77 -9.86 -19.72 -4.99
CA TYR A 77 -10.98 -19.36 -5.86
C TYR A 77 -10.50 -19.00 -7.27
N ALA A 78 -9.46 -18.18 -7.36
CA ALA A 78 -8.92 -17.74 -8.65
C ALA A 78 -8.33 -18.91 -9.44
N LYS A 79 -7.72 -19.86 -8.74
CA LYS A 79 -7.19 -21.07 -9.37
C LYS A 79 -8.34 -21.94 -9.90
N LEU A 80 -9.41 -22.05 -9.10
CA LEU A 80 -10.59 -22.82 -9.48
C LEU A 80 -11.34 -22.24 -10.69
N ARG A 81 -11.53 -20.92 -10.70
CA ARG A 81 -12.38 -20.28 -11.71
C ARG A 81 -11.62 -19.60 -12.85
N ASN A 82 -10.31 -19.40 -12.65
CA ASN A 82 -9.45 -18.73 -13.62
C ASN A 82 -10.04 -17.44 -14.24
N PRO A 83 -10.48 -16.49 -13.39
CA PRO A 83 -10.95 -15.22 -13.96
C PRO A 83 -9.79 -14.33 -14.34
N PHE A 84 -10.08 -13.26 -15.08
CA PHE A 84 -9.10 -12.21 -15.33
C PHE A 84 -8.90 -11.44 -14.02
N VAL A 85 -7.68 -11.46 -13.50
CA VAL A 85 -7.40 -10.87 -12.19
C VAL A 85 -6.75 -9.49 -12.33
N ILE A 86 -7.43 -8.48 -11.81
CA ILE A 86 -6.99 -7.07 -11.87
C ILE A 86 -5.77 -6.83 -10.98
N ASN A 87 -5.84 -7.28 -9.73
CA ASN A 87 -4.74 -7.20 -8.78
C ASN A 87 -4.28 -8.62 -8.40
N ASP A 88 -3.08 -8.99 -8.83
CA ASP A 88 -2.54 -10.34 -8.62
C ASP A 88 -2.57 -10.70 -7.13
N LEU A 89 -3.09 -11.88 -6.81
CA LEU A 89 -3.31 -12.28 -5.43
C LEU A 89 -2.07 -12.82 -4.73
N ASN A 90 -1.27 -13.62 -5.44
CA ASN A 90 -0.02 -14.13 -4.88
C ASN A 90 0.96 -13.02 -4.47
N MET A 91 1.00 -11.94 -5.24
N MET A 91 0.99 -11.94 -5.23
CA MET A 91 1.85 -10.79 -4.92
CA MET A 91 1.86 -10.81 -4.90
C MET A 91 1.44 -10.13 -3.61
C MET A 91 1.44 -10.12 -3.61
N GLN A 92 0.18 -10.33 -3.20
CA GLN A 92 -0.34 -9.72 -1.95
C GLN A 92 0.23 -10.36 -0.68
N TYR A 93 0.75 -11.60 -0.79
CA TYR A 93 1.57 -12.16 0.30
C TYR A 93 2.85 -11.35 0.48
N LEU A 94 3.51 -11.03 -0.63
CA LEU A 94 4.80 -10.32 -0.60
C LEU A 94 4.65 -8.88 -0.13
N ILE A 95 3.52 -8.26 -0.47
CA ILE A 95 3.22 -6.87 -0.09
C ILE A 95 3.10 -6.74 1.45
N GLN A 96 2.76 -7.84 2.12
CA GLN A 96 2.69 -7.86 3.59
C GLN A 96 4.06 -7.85 4.29
N ASP A 97 5.13 -7.99 3.50
CA ASP A 97 6.49 -8.11 4.03
C ASP A 97 7.36 -7.02 3.44
N ARG A 98 7.78 -6.07 4.28
N ARG A 98 7.79 -6.07 4.28
CA ARG A 98 8.58 -4.93 3.83
CA ARG A 98 8.58 -4.92 3.84
C ARG A 98 9.88 -5.34 3.14
C ARG A 98 9.91 -5.31 3.18
N ARG A 99 10.48 -6.44 3.62
CA ARG A 99 11.70 -6.97 3.02
C ARG A 99 11.46 -7.38 1.56
N GLU A 100 10.32 -8.02 1.31
CA GLU A 100 9.95 -8.43 -0.05
C GLU A 100 9.63 -7.22 -0.93
N VAL A 101 8.93 -6.24 -0.37
CA VAL A 101 8.60 -5.02 -1.09
C VAL A 101 9.89 -4.33 -1.57
N TYR A 102 10.82 -4.12 -0.63
CA TYR A 102 12.09 -3.43 -0.94
C TYR A 102 12.95 -4.17 -1.96
N SER A 103 12.94 -5.50 -1.90
CA SER A 103 13.69 -6.33 -2.85
C SER A 103 13.17 -6.14 -4.27
N ILE A 104 11.85 -6.07 -4.41
CA ILE A 104 11.21 -5.83 -5.71
C ILE A 104 11.57 -4.44 -6.24
N LEU A 105 11.50 -3.42 -5.38
CA LEU A 105 11.84 -2.05 -5.78
C LEU A 105 13.27 -1.96 -6.31
N GLN A 106 14.20 -2.56 -5.56
CA GLN A 106 15.62 -2.62 -5.96
C GLN A 106 15.82 -3.31 -7.31
N ALA A 107 15.16 -4.44 -7.50
CA ALA A 107 15.25 -5.21 -8.75
C ALA A 107 14.73 -4.41 -9.95
N GLU A 108 13.87 -3.44 -9.68
CA GLU A 108 13.24 -2.61 -10.71
C GLU A 108 13.93 -1.27 -10.96
N GLY A 109 15.08 -1.06 -10.33
CA GLY A 109 15.83 0.18 -10.49
C GLY A 109 15.12 1.40 -9.93
N ILE A 110 14.27 1.18 -8.94
CA ILE A 110 13.50 2.25 -8.32
C ILE A 110 14.27 2.78 -7.11
N LEU A 111 14.47 4.08 -7.06
CA LEU A 111 15.17 4.73 -5.95
C LEU A 111 14.39 4.53 -4.66
N LEU A 112 15.10 4.08 -3.63
CA LEU A 112 14.54 3.91 -2.29
C LEU A 112 15.63 4.25 -1.26
N PRO A 113 15.25 4.49 0.01
CA PRO A 113 16.27 4.79 1.00
C PRO A 113 17.28 3.64 1.12
N ARG A 114 18.55 3.98 1.32
CA ARG A 114 19.56 3.00 1.67
C ARG A 114 19.10 2.27 2.92
N TYR A 115 19.18 0.95 2.91
CA TYR A 115 18.58 0.16 3.98
C TYR A 115 19.31 -1.15 4.29
N ALA A 116 19.04 -1.68 5.47
CA ALA A 116 19.59 -2.97 5.89
C ALA A 116 18.56 -3.70 6.73
N ILE A 117 18.51 -5.01 6.57
CA ILE A 117 17.54 -5.83 7.28
C ILE A 117 18.16 -6.46 8.51
N LEU A 118 17.51 -6.26 9.66
CA LEU A 118 17.90 -6.97 10.88
C LEU A 118 16.90 -8.06 11.22
N ASN A 119 17.24 -9.30 10.87
CA ASN A 119 16.41 -10.44 11.18
C ASN A 119 16.82 -11.07 12.51
N ARG A 120 15.88 -11.14 13.45
CA ARG A 120 16.13 -11.81 14.72
C ARG A 120 15.43 -13.16 14.79
N ASP A 121 16.24 -14.20 14.99
CA ASP A 121 15.72 -15.53 15.29
C ASP A 121 15.07 -15.48 16.67
N PRO A 122 13.75 -15.75 16.75
CA PRO A 122 12.98 -15.62 18.01
C PRO A 122 13.66 -16.28 19.21
N ASN A 123 14.35 -17.39 18.97
CA ASN A 123 15.07 -18.12 20.02
C ASN A 123 16.36 -17.42 20.46
N ASN A 124 16.97 -16.66 19.55
CA ASN A 124 18.22 -15.95 19.83
C ASN A 124 18.08 -14.44 19.57
N PRO A 125 17.58 -13.66 20.55
CA PRO A 125 17.53 -12.21 20.41
C PRO A 125 18.90 -11.56 20.61
N LYS A 126 19.76 -12.21 21.39
CA LYS A 126 21.10 -11.71 21.69
C LYS A 126 22.11 -11.97 20.57
N GLU A 127 21.82 -12.94 19.71
CA GLU A 127 22.71 -13.30 18.60
C GLU A 127 22.35 -12.59 17.29
N CYS A 128 22.19 -11.27 17.37
CA CYS A 128 21.85 -10.45 16.21
C CYS A 128 23.08 -9.72 15.63
N ASN A 129 22.91 -9.16 14.44
CA ASN A 129 23.96 -8.41 13.77
C ASN A 129 23.83 -6.90 13.99
N LEU A 130 23.43 -6.52 15.20
CA LEU A 130 23.21 -5.10 15.51
C LEU A 130 24.19 -4.57 16.55
N ILE A 131 24.91 -3.52 16.18
CA ILE A 131 25.73 -2.77 17.12
C ILE A 131 25.15 -1.36 17.23
N GLU A 132 24.92 -0.92 18.45
CA GLU A 132 24.32 0.38 18.70
C GLU A 132 25.32 1.36 19.33
N GLY A 133 25.47 2.52 18.70
CA GLY A 133 26.18 3.64 19.29
C GLY A 133 25.15 4.65 19.73
N GLU A 134 25.57 5.66 20.47
CA GLU A 134 24.62 6.66 20.98
C GLU A 134 24.05 7.56 19.87
N ASP A 135 24.73 7.61 18.72
CA ASP A 135 24.27 8.44 17.61
C ASP A 135 24.19 7.70 16.27
N HIS A 136 24.31 6.37 16.30
CA HIS A 136 24.26 5.54 15.09
C HIS A 136 23.97 4.09 15.44
N VAL A 137 23.55 3.32 14.43
CA VAL A 137 23.50 1.87 14.52
C VAL A 137 24.29 1.22 13.38
N GLU A 138 24.74 0.01 13.63
CA GLU A 138 25.46 -0.77 12.63
C GLU A 138 24.71 -2.09 12.45
N VAL A 139 24.25 -2.32 11.23
CA VAL A 139 23.41 -3.47 10.92
C VAL A 139 24.08 -4.29 9.83
N ASN A 140 24.38 -5.55 10.16
CA ASN A 140 25.16 -6.44 9.29
C ASN A 140 26.45 -5.76 8.80
N GLY A 141 26.99 -4.85 9.60
CA GLY A 141 28.20 -4.12 9.25
C GLY A 141 27.96 -2.75 8.62
N GLU A 142 26.71 -2.47 8.25
CA GLU A 142 26.38 -1.20 7.59
C GLU A 142 25.97 -0.12 8.60
N VAL A 143 26.56 1.06 8.45
CA VAL A 143 26.38 2.17 9.39
C VAL A 143 25.24 3.11 8.99
N PHE A 144 24.35 3.38 9.95
CA PHE A 144 23.31 4.38 9.78
C PHE A 144 23.44 5.42 10.88
N GLN A 145 23.88 6.62 10.49
CA GLN A 145 23.91 7.76 11.41
C GLN A 145 22.48 8.25 11.64
N LYS A 146 22.22 8.76 12.84
CA LYS A 146 20.93 9.38 13.13
C LYS A 146 20.87 10.73 12.41
N PRO A 147 19.69 11.10 11.87
CA PRO A 147 18.43 10.37 11.97
C PRO A 147 18.34 9.16 11.05
N PHE A 148 17.79 8.06 11.56
CA PHE A 148 17.45 6.89 10.74
C PHE A 148 16.05 6.38 11.11
N VAL A 149 15.50 5.51 10.28
CA VAL A 149 14.14 5.00 10.43
C VAL A 149 14.18 3.50 10.70
N GLU A 150 13.31 3.05 11.60
CA GLU A 150 13.23 1.63 11.99
C GLU A 150 11.81 1.12 11.76
N LYS A 151 11.67 0.18 10.82
CA LYS A 151 10.35 -0.35 10.43
C LYS A 151 10.22 -1.84 10.75
N PRO A 152 9.10 -2.24 11.40
CA PRO A 152 8.82 -3.67 11.56
C PRO A 152 8.81 -4.35 10.20
N VAL A 153 9.32 -5.58 10.11
CA VAL A 153 9.36 -6.27 8.81
C VAL A 153 7.97 -6.57 8.27
N SER A 154 6.99 -6.72 9.17
CA SER A 154 5.59 -6.84 8.77
C SER A 154 5.08 -5.50 8.27
N ALA A 155 4.63 -5.45 7.02
CA ALA A 155 4.11 -4.22 6.43
C ALA A 155 2.74 -3.87 7.01
N GLU A 156 2.16 -4.83 7.73
CA GLU A 156 0.88 -4.65 8.42
C GLU A 156 1.08 -3.98 9.79
N ASP A 157 2.34 -3.88 10.21
CA ASP A 157 2.70 -3.28 11.50
C ASP A 157 3.20 -1.86 11.24
N HIS A 158 2.42 -0.87 11.70
CA HIS A 158 2.68 0.54 11.39
C HIS A 158 3.41 1.28 12.51
N ASN A 159 3.96 0.52 13.46
CA ASN A 159 4.79 1.07 14.52
C ASN A 159 6.21 1.34 14.02
N VAL A 160 6.31 2.37 13.17
CA VAL A 160 7.56 2.82 12.57
C VAL A 160 8.17 3.89 13.48
N TYR A 161 9.45 3.73 13.83
CA TYR A 161 10.13 4.67 14.72
C TYR A 161 11.22 5.44 13.98
N ILE A 162 11.39 6.72 14.33
CA ILE A 162 12.47 7.56 13.82
C ILE A 162 13.36 7.97 15.00
N TYR A 163 14.67 7.87 14.82
CA TYR A 163 15.61 8.15 15.91
C TYR A 163 16.39 9.44 15.68
N TYR A 164 16.26 10.39 16.60
CA TYR A 164 16.88 11.70 16.46
C TYR A 164 18.33 11.72 16.93
N PRO A 165 19.20 12.43 16.20
CA PRO A 165 20.59 12.62 16.63
C PRO A 165 20.69 13.50 17.87
N THR A 166 21.79 13.36 18.60
CA THR A 166 22.05 14.18 19.79
C THR A 166 21.96 15.67 19.47
N SER A 167 22.47 16.07 18.31
CA SER A 167 22.44 17.48 17.87
C SER A 167 21.03 18.06 17.77
N ALA A 168 20.02 17.17 17.71
CA ALA A 168 18.62 17.57 17.60
C ALA A 168 17.84 17.33 18.90
N GLY A 169 18.52 16.78 19.91
CA GLY A 169 17.90 16.53 21.21
C GLY A 169 17.69 15.07 21.57
N GLY A 170 18.06 14.17 20.66
CA GLY A 170 17.94 12.73 20.91
C GLY A 170 16.50 12.28 20.99
N GLY A 171 16.29 11.09 21.57
CA GLY A 171 14.96 10.51 21.66
C GLY A 171 14.48 9.96 20.32
N SER A 172 13.17 9.74 20.23
CA SER A 172 12.60 9.09 19.04
C SER A 172 11.21 9.58 18.74
N GLN A 173 10.76 9.36 17.51
CA GLN A 173 9.37 9.60 17.15
C GLN A 173 8.71 8.26 16.83
N ARG A 174 7.63 7.97 17.54
CA ARG A 174 6.93 6.69 17.41
C ARG A 174 5.64 6.91 16.63
N LEU A 175 5.64 6.43 15.40
CA LEU A 175 4.47 6.51 14.52
C LEU A 175 3.59 5.31 14.75
N PHE A 176 2.30 5.44 14.41
CA PHE A 176 1.32 4.36 14.59
C PHE A 176 0.11 4.64 13.69
N ARG A 177 -0.73 3.62 13.49
CA ARG A 177 -1.98 3.80 12.77
C ARG A 177 -2.71 4.99 13.39
N LYS A 178 -3.04 6.00 12.58
CA LYS A 178 -3.60 7.22 13.13
C LYS A 178 -4.92 6.97 13.84
N ILE A 179 -5.04 7.55 15.04
CA ILE A 179 -6.29 7.52 15.79
C ILE A 179 -6.65 8.95 16.20
N GLY A 180 -7.83 9.38 15.77
CA GLY A 180 -8.32 10.72 16.04
C GLY A 180 -7.35 11.79 15.58
N SER A 181 -6.79 12.51 16.55
CA SER A 181 -5.97 13.69 16.26
C SER A 181 -4.45 13.44 16.15
N ARG A 182 -4.03 12.19 16.34
N ARG A 182 -4.03 12.19 16.31
CA ARG A 182 -2.59 11.89 16.42
CA ARG A 182 -2.60 11.88 16.45
C ARG A 182 -2.14 10.75 15.52
C ARG A 182 -2.10 10.72 15.59
N SER A 183 -0.94 10.91 14.96
CA SER A 183 -0.33 9.91 14.08
C SER A 183 1.06 9.49 14.59
N SER A 184 1.61 10.24 15.55
CA SER A 184 2.89 9.89 16.17
C SER A 184 3.08 10.62 17.49
N VAL A 185 4.04 10.14 18.29
N VAL A 185 4.07 10.17 18.28
CA VAL A 185 4.36 10.77 19.56
CA VAL A 185 4.35 10.74 19.59
C VAL A 185 5.88 10.73 19.78
C VAL A 185 5.84 10.66 19.92
N TYR A 186 6.41 11.77 20.41
CA TYR A 186 7.82 11.83 20.81
C TYR A 186 8.06 10.94 22.01
N SER A 187 9.18 10.23 21.99
CA SER A 187 9.64 9.47 23.14
C SER A 187 11.06 9.89 23.50
N PRO A 188 11.36 10.00 24.80
CA PRO A 188 12.75 10.27 25.21
C PRO A 188 13.69 9.09 24.94
N GLU A 189 13.13 7.91 24.63
CA GLU A 189 13.93 6.72 24.35
C GLU A 189 14.83 6.91 23.12
N SER A 190 16.14 6.74 23.30
CA SER A 190 17.11 6.92 22.22
C SER A 190 17.64 5.60 21.68
N ASN A 191 17.43 4.51 22.43
CA ASN A 191 17.90 3.19 22.03
C ASN A 191 16.88 2.46 21.18
N VAL A 192 17.35 1.74 20.16
CA VAL A 192 16.46 1.00 19.25
C VAL A 192 15.73 -0.14 19.96
N ARG A 193 14.67 -0.66 19.32
CA ARG A 193 13.93 -1.78 19.87
C ARG A 193 14.79 -3.04 19.90
N LYS A 194 14.69 -3.82 20.97
CA LYS A 194 15.62 -4.94 21.17
C LYS A 194 15.04 -6.32 20.85
N THR A 195 13.72 -6.38 20.66
CA THR A 195 13.08 -7.63 20.21
C THR A 195 12.34 -7.36 18.90
N GLY A 196 12.24 -8.40 18.06
CA GLY A 196 11.61 -8.29 16.75
C GLY A 196 12.61 -8.04 15.63
N SER A 197 12.12 -8.20 14.40
CA SER A 197 12.92 -7.97 13.19
C SER A 197 12.53 -6.66 12.53
N TYR A 198 13.53 -5.92 12.06
CA TYR A 198 13.32 -4.57 11.52
C TYR A 198 14.15 -4.29 10.28
N ILE A 199 13.65 -3.38 9.45
CA ILE A 199 14.45 -2.73 8.42
C ILE A 199 14.93 -1.40 8.99
N TYR A 200 16.23 -1.15 8.89
CA TYR A 200 16.80 0.15 9.23
C TYR A 200 17.12 0.86 7.94
N GLU A 201 16.77 2.15 7.86
CA GLU A 201 17.02 2.92 6.64
C GLU A 201 17.36 4.38 6.92
N GLU A 202 18.06 4.98 5.97
CA GLU A 202 18.41 6.41 6.05
CA GLU A 202 18.41 6.41 6.02
C GLU A 202 17.15 7.27 6.01
N PHE A 203 17.17 8.33 6.82
CA PHE A 203 16.09 9.29 6.87
C PHE A 203 16.23 10.24 5.69
N MET A 204 15.19 10.30 4.86
CA MET A 204 15.18 11.20 3.70
C MET A 204 14.49 12.50 4.08
N PRO A 205 15.21 13.63 3.97
CA PRO A 205 14.64 14.91 4.41
C PRO A 205 13.69 15.51 3.37
N THR A 206 12.41 15.57 3.72
CA THR A 206 11.40 16.15 2.85
C THR A 206 11.07 17.56 3.33
N ASP A 207 10.11 18.20 2.68
CA ASP A 207 9.65 19.52 3.12
C ASP A 207 8.63 19.37 4.26
N GLY A 208 8.47 18.16 4.76
CA GLY A 208 7.54 17.88 5.86
C GLY A 208 6.27 17.19 5.44
N THR A 209 6.16 16.87 4.15
CA THR A 209 5.01 16.12 3.63
C THR A 209 5.43 14.81 2.96
N ASP A 210 4.50 13.86 2.93
CA ASP A 210 4.62 12.63 2.15
C ASP A 210 3.79 12.78 0.89
N VAL A 211 4.26 12.22 -0.22
CA VAL A 211 3.47 12.16 -1.44
C VAL A 211 2.83 10.78 -1.51
N LYS A 212 1.49 10.77 -1.59
CA LYS A 212 0.72 9.53 -1.68
C LYS A 212 0.27 9.32 -3.11
N VAL A 213 0.66 8.19 -3.70
CA VAL A 213 0.36 7.91 -5.12
C VAL A 213 -0.62 6.74 -5.24
N TYR A 214 -1.58 6.89 -6.15
CA TYR A 214 -2.62 5.90 -6.37
C TYR A 214 -2.73 5.60 -7.86
N THR A 215 -2.32 4.39 -8.25
CA THR A 215 -2.36 4.01 -9.67
C THR A 215 -3.69 3.35 -10.02
N VAL A 216 -4.10 3.52 -11.29
CA VAL A 216 -5.16 2.71 -11.88
C VAL A 216 -4.64 2.27 -13.23
N GLY A 217 -3.97 1.13 -13.22
CA GLY A 217 -3.16 0.71 -14.35
C GLY A 217 -1.87 1.52 -14.39
N PRO A 218 -0.92 1.11 -15.25
CA PRO A 218 0.41 1.72 -15.28
C PRO A 218 0.46 3.14 -15.84
N ASP A 219 -0.58 3.57 -16.54
CA ASP A 219 -0.60 4.86 -17.24
C ASP A 219 -1.41 5.96 -16.55
N TYR A 220 -1.95 5.65 -15.37
CA TYR A 220 -2.72 6.63 -14.62
C TYR A 220 -2.31 6.61 -13.16
N ALA A 221 -1.98 7.77 -12.62
CA ALA A 221 -1.67 7.89 -11.20
C ALA A 221 -2.15 9.23 -10.65
N HIS A 222 -2.95 9.15 -9.59
CA HIS A 222 -3.30 10.34 -8.84
C HIS A 222 -2.35 10.46 -7.67
N ALA A 223 -1.86 11.67 -7.43
CA ALA A 223 -1.03 11.95 -6.27
C ALA A 223 -1.58 13.09 -5.44
N GLU A 224 -1.28 13.05 -4.16
CA GLU A 224 -1.60 14.11 -3.22
C GLU A 224 -0.56 14.08 -2.11
N ALA A 225 -0.50 15.14 -1.31
CA ALA A 225 0.46 15.20 -0.22
C ALA A 225 -0.26 15.36 1.10
N ARG A 226 0.31 14.78 2.15
CA ARG A 226 -0.19 14.93 3.52
C ARG A 226 0.98 15.21 4.44
N LYS A 227 0.74 15.92 5.54
CA LYS A 227 1.77 16.16 6.55
C LYS A 227 2.40 14.83 6.99
N SER A 228 3.73 14.78 7.03
CA SER A 228 4.41 13.58 7.49
C SER A 228 4.10 13.34 8.96
N PRO A 229 3.68 12.11 9.32
CA PRO A 229 3.36 11.79 10.73
C PRO A 229 4.56 12.04 11.64
N ALA A 230 5.77 11.99 11.07
CA ALA A 230 7.00 12.17 11.82
C ALA A 230 7.26 13.61 12.31
N LEU A 231 6.59 14.60 11.71
CA LEU A 231 6.82 16.00 12.06
C LEU A 231 6.59 16.31 13.54
N ASP A 232 5.33 16.23 13.98
CA ASP A 232 4.99 16.42 15.39
C ASP A 232 3.89 15.46 15.84
N GLY A 233 3.27 14.79 14.88
CA GLY A 233 2.26 13.79 15.17
C GLY A 233 0.83 14.28 15.26
N LYS A 234 0.61 15.58 15.09
CA LYS A 234 -0.75 16.12 15.10
C LYS A 234 -1.40 16.05 13.72
N VAL A 235 -2.52 15.33 13.62
CA VAL A 235 -3.24 15.17 12.35
C VAL A 235 -3.97 16.48 12.02
N GLU A 236 -3.77 16.98 10.80
CA GLU A 236 -4.47 18.16 10.32
C GLU A 236 -5.81 17.74 9.76
N ARG A 237 -6.89 18.30 10.30
CA ARG A 237 -8.23 17.98 9.82
C ARG A 237 -8.99 19.25 9.40
N ASP A 238 -9.81 19.12 8.37
CA ASP A 238 -10.58 20.25 7.84
C ASP A 238 -11.87 20.46 8.64
N SER A 239 -12.74 21.32 8.11
CA SER A 239 -14.03 21.64 8.74
C SER A 239 -14.98 20.44 8.83
N GLU A 240 -14.75 19.42 8.01
CA GLU A 240 -15.59 18.22 7.99
C GLU A 240 -14.99 17.02 8.72
N GLY A 241 -13.73 17.14 9.15
CA GLY A 241 -13.06 16.08 9.89
C GLY A 241 -12.18 15.17 9.04
N LYS A 242 -12.05 15.53 7.77
CA LYS A 242 -11.18 14.80 6.84
C LYS A 242 -9.76 15.31 6.95
N GLU A 243 -8.78 14.40 6.86
CA GLU A 243 -7.37 14.79 6.92
C GLU A 243 -7.02 15.72 5.76
N VAL A 244 -6.33 16.82 6.10
CA VAL A 244 -5.90 17.80 5.11
C VAL A 244 -4.93 17.16 4.11
N ARG A 245 -5.21 17.37 2.83
CA ARG A 245 -4.30 16.95 1.77
C ARG A 245 -3.95 18.12 0.86
N TYR A 246 -2.78 18.05 0.24
CA TYR A 246 -2.27 19.12 -0.59
C TYR A 246 -2.15 18.62 -2.02
N PRO A 247 -2.39 19.52 -3.01
CA PRO A 247 -2.32 19.12 -4.41
C PRO A 247 -0.90 18.72 -4.83
N VAL A 248 -0.82 17.68 -5.66
CA VAL A 248 0.45 17.23 -6.22
C VAL A 248 0.23 16.91 -7.70
N ILE A 249 1.21 17.29 -8.51
CA ILE A 249 1.31 16.80 -9.89
C ILE A 249 2.66 16.09 -10.00
N LEU A 250 2.64 14.83 -10.41
CA LEU A 250 3.86 14.05 -10.56
C LEU A 250 4.66 14.53 -11.76
N ASN A 251 5.99 14.60 -11.61
CA ASN A 251 6.88 14.89 -12.72
C ASN A 251 7.11 13.64 -13.56
N ALA A 252 7.83 13.79 -14.66
CA ALA A 252 8.09 12.68 -15.59
C ALA A 252 8.70 11.45 -14.89
N ARG A 253 9.69 11.69 -14.04
CA ARG A 253 10.35 10.63 -13.28
C ARG A 253 9.37 9.87 -12.39
N GLU A 254 8.49 10.61 -11.73
CA GLU A 254 7.55 10.02 -10.78
C GLU A 254 6.44 9.25 -11.50
N LYS A 255 6.03 9.74 -12.66
CA LYS A 255 5.05 9.03 -13.48
C LYS A 255 5.62 7.66 -13.91
N LEU A 256 6.92 7.62 -14.22
CA LEU A 256 7.60 6.36 -14.52
C LEU A 256 7.69 5.43 -13.31
N ILE A 257 7.97 6.00 -12.13
CA ILE A 257 7.96 5.22 -10.89
C ILE A 257 6.62 4.52 -10.69
N ALA A 258 5.53 5.27 -10.87
CA ALA A 258 4.18 4.71 -10.73
C ALA A 258 3.94 3.56 -11.73
N TRP A 259 4.39 3.76 -12.97
CA TRP A 259 4.30 2.75 -14.02
C TRP A 259 5.02 1.47 -13.55
N LYS A 260 6.25 1.64 -13.06
CA LYS A 260 7.06 0.53 -12.56
C LYS A 260 6.44 -0.20 -11.38
N VAL A 261 5.93 0.55 -10.40
CA VAL A 261 5.37 -0.05 -9.18
C VAL A 261 4.13 -0.88 -9.54
N CYS A 262 3.26 -0.28 -10.35
CA CYS A 262 2.03 -0.94 -10.77
C CYS A 262 2.32 -2.29 -11.45
N LEU A 263 3.24 -2.29 -12.40
CA LEU A 263 3.57 -3.51 -13.13
C LEU A 263 4.38 -4.52 -12.31
N ALA A 264 5.35 -4.02 -11.54
CA ALA A 264 6.25 -4.89 -10.78
C ALA A 264 5.49 -5.69 -9.72
N PHE A 265 4.52 -5.05 -9.08
CA PHE A 265 3.72 -5.72 -8.06
C PHE A 265 2.45 -6.37 -8.63
N LYS A 266 2.23 -6.18 -9.93
CA LYS A 266 1.05 -6.71 -10.64
C LYS A 266 -0.26 -6.28 -9.96
N GLN A 267 -0.27 -5.05 -9.46
CA GLN A 267 -1.43 -4.46 -8.81
C GLN A 267 -1.94 -3.31 -9.66
N THR A 268 -2.98 -3.56 -10.46
CA THR A 268 -3.57 -2.51 -11.29
C THR A 268 -3.92 -1.29 -10.43
N VAL A 269 -4.64 -1.54 -9.35
CA VAL A 269 -4.97 -0.49 -8.39
C VAL A 269 -3.92 -0.58 -7.28
N CYS A 270 -3.05 0.41 -7.19
CA CYS A 270 -1.92 0.34 -6.25
C CYS A 270 -1.58 1.66 -5.60
N GLY A 271 -1.52 1.66 -4.28
CA GLY A 271 -1.09 2.81 -3.50
C GLY A 271 0.35 2.63 -3.07
N PHE A 272 1.11 3.72 -3.14
CA PHE A 272 2.48 3.74 -2.59
C PHE A 272 2.87 5.15 -2.15
N ASP A 273 3.92 5.25 -1.33
CA ASP A 273 4.40 6.55 -0.85
C ASP A 273 5.70 6.96 -1.50
N LEU A 274 5.78 8.25 -1.81
CA LEU A 274 7.00 8.87 -2.32
C LEU A 274 7.50 9.92 -1.35
N LEU A 275 8.82 9.93 -1.15
CA LEU A 275 9.49 10.95 -0.39
C LEU A 275 10.27 11.81 -1.37
N ARG A 276 9.85 13.08 -1.49
CA ARG A 276 10.54 14.04 -2.33
C ARG A 276 11.69 14.66 -1.53
N ALA A 277 12.91 14.22 -1.83
CA ALA A 277 14.09 14.59 -1.05
C ALA A 277 15.31 14.68 -1.94
N ASN A 278 16.14 15.69 -1.67
CA ASN A 278 17.43 15.88 -2.35
C ASN A 278 17.31 15.83 -3.88
N GLY A 279 16.27 16.48 -4.40
CA GLY A 279 16.05 16.58 -5.84
C GLY A 279 15.60 15.29 -6.52
N GLN A 280 15.28 14.27 -5.72
CA GLN A 280 14.77 13.00 -6.25
C GLN A 280 13.52 12.55 -5.50
N SER A 281 12.94 11.43 -5.92
CA SER A 281 11.76 10.89 -5.26
C SER A 281 11.98 9.42 -4.94
N TYR A 282 11.83 9.09 -3.66
CA TYR A 282 12.15 7.75 -3.14
C TYR A 282 10.88 7.04 -2.68
N VAL A 283 10.67 5.81 -3.14
CA VAL A 283 9.56 4.98 -2.66
C VAL A 283 9.93 4.38 -1.30
N CYS A 284 9.06 4.54 -0.30
CA CYS A 284 9.34 4.03 1.04
C CYS A 284 8.32 2.99 1.55
N ASP A 285 7.30 2.72 0.75
CA ASP A 285 6.14 1.92 1.17
C ASP A 285 5.28 1.63 -0.05
N VAL A 286 4.93 0.37 -0.24
CA VAL A 286 3.99 -0.04 -1.29
C VAL A 286 2.86 -0.82 -0.61
N ASN A 287 1.63 -0.33 -0.79
CA ASN A 287 0.49 -0.83 -0.02
C ASN A 287 -0.47 -1.73 -0.76
N GLY A 288 -0.34 -1.80 -2.09
CA GLY A 288 -1.30 -2.53 -2.88
C GLY A 288 -2.61 -1.77 -2.98
N PHE A 289 -3.72 -2.52 -3.10
CA PHE A 289 -5.02 -1.95 -3.45
C PHE A 289 -5.44 -0.82 -2.52
N SER A 290 -5.66 0.35 -3.10
N SER A 290 -5.64 0.36 -3.11
CA SER A 290 -6.10 1.52 -2.36
CA SER A 290 -6.04 1.56 -2.38
C SER A 290 -6.72 2.54 -3.32
C SER A 290 -6.72 2.53 -3.34
N PHE A 291 -7.87 3.06 -2.93
CA PHE A 291 -8.57 4.10 -3.70
C PHE A 291 -8.27 5.46 -3.08
N VAL A 292 -8.28 6.50 -3.91
CA VAL A 292 -8.28 7.88 -3.41
C VAL A 292 -9.62 8.11 -2.70
N LYS A 293 -9.58 8.86 -1.60
CA LYS A 293 -10.78 9.16 -0.83
C LYS A 293 -11.24 10.58 -1.15
N ASN A 294 -12.55 10.76 -1.23
CA ASN A 294 -13.17 12.08 -1.39
C ASN A 294 -12.77 12.89 -2.64
N SER A 295 -12.50 12.20 -3.75
CA SER A 295 -12.30 12.85 -5.04
C SER A 295 -13.26 12.28 -6.08
N MET A 296 -14.27 13.06 -6.42
CA MET A 296 -15.26 12.68 -7.43
C MET A 296 -14.61 12.38 -8.79
N LYS A 297 -13.64 13.21 -9.16
CA LYS A 297 -12.92 13.04 -10.43
C LYS A 297 -12.16 11.71 -10.47
N TYR A 298 -11.52 11.34 -9.35
CA TYR A 298 -10.87 10.03 -9.25
C TYR A 298 -11.90 8.91 -9.43
N TYR A 299 -13.04 9.01 -8.76
CA TYR A 299 -14.10 8.00 -8.92
C TYR A 299 -14.42 7.82 -10.40
N ASP A 300 -14.62 8.93 -11.10
CA ASP A 300 -14.90 8.93 -12.54
C ASP A 300 -13.79 8.25 -13.34
N ASP A 301 -12.56 8.72 -13.13
CA ASP A 301 -11.38 8.21 -13.85
C ASP A 301 -11.13 6.73 -13.60
N CYS A 302 -11.16 6.33 -12.32
CA CYS A 302 -10.85 4.97 -11.93
C CYS A 302 -11.87 3.98 -12.50
N ALA A 303 -13.16 4.29 -12.38
CA ALA A 303 -14.20 3.43 -12.92
C ALA A 303 -14.09 3.29 -14.45
N LYS A 304 -13.86 4.42 -15.12
CA LYS A 304 -13.69 4.41 -16.59
C LYS A 304 -12.52 3.53 -17.01
N ILE A 305 -11.36 3.69 -16.36
CA ILE A 305 -10.18 2.91 -16.68
C ILE A 305 -10.40 1.42 -16.40
N LEU A 306 -10.95 1.10 -15.22
CA LEU A 306 -11.20 -0.30 -14.87
C LEU A 306 -12.19 -0.94 -15.84
N GLY A 307 -13.28 -0.23 -16.14
CA GLY A 307 -14.25 -0.69 -17.13
C GLY A 307 -13.61 -0.92 -18.49
N ASN A 308 -12.78 0.01 -18.93
CA ASN A 308 -12.07 -0.12 -20.21
C ASN A 308 -11.10 -1.31 -20.24
N ILE A 309 -10.40 -1.52 -19.12
CA ILE A 309 -9.52 -2.67 -18.97
C ILE A 309 -10.31 -3.98 -19.13
N VAL A 310 -11.44 -4.08 -18.42
CA VAL A 310 -12.31 -5.25 -18.48
C VAL A 310 -12.79 -5.50 -19.92
N MET A 311 -13.31 -4.46 -20.55
CA MET A 311 -13.81 -4.55 -21.92
C MET A 311 -12.71 -4.93 -22.92
N ARG A 312 -11.55 -4.29 -22.81
CA ARG A 312 -10.43 -4.57 -23.71
C ARG A 312 -10.04 -6.04 -23.61
N GLU A 313 -9.94 -6.53 -22.37
CA GLU A 313 -9.48 -7.88 -22.12
C GLU A 313 -10.49 -8.96 -22.51
N LEU A 314 -11.78 -8.71 -22.24
CA LEU A 314 -12.80 -9.74 -22.33
C LEU A 314 -13.79 -9.62 -23.50
N ALA A 315 -13.96 -8.43 -24.04
CA ALA A 315 -14.89 -8.22 -25.17
C ALA A 315 -14.73 -9.22 -26.33
N PRO A 316 -13.48 -9.54 -26.75
CA PRO A 316 -13.32 -10.50 -27.84
C PRO A 316 -13.97 -11.88 -27.57
N GLN A 317 -13.72 -12.46 -26.40
CA GLN A 317 -14.28 -13.78 -26.09
C GLN A 317 -15.80 -13.75 -25.86
N PHE A 318 -16.32 -12.56 -25.59
CA PHE A 318 -17.76 -12.36 -25.43
C PHE A 318 -18.44 -11.88 -26.72
N HIS A 319 -17.64 -11.69 -27.78
CA HIS A 319 -18.12 -11.22 -29.09
C HIS A 319 -18.83 -9.87 -29.02
N ILE A 320 -18.35 -9.00 -28.13
CA ILE A 320 -18.90 -7.66 -27.95
C ILE A 320 -18.04 -6.63 -28.69
N PRO A 321 -18.68 -5.73 -29.47
CA PRO A 321 -17.94 -4.67 -30.16
C PRO A 321 -17.26 -3.71 -29.17
N TRP A 322 -15.97 -3.49 -29.37
CA TRP A 322 -15.18 -2.58 -28.54
C TRP A 322 -13.96 -2.07 -29.29
N SER A 323 -13.92 -0.76 -29.53
CA SER A 323 -12.81 -0.13 -30.25
C SER A 323 -11.78 0.45 -29.29
#